data_1UF9
#
_entry.id   1UF9
#
_cell.length_a   102.120
_cell.length_b   102.120
_cell.length_c   65.670
_cell.angle_alpha   90.00
_cell.angle_beta   90.00
_cell.angle_gamma   120.00
#
_symmetry.space_group_name_H-M   'P 32'
#
loop_
_entity.id
_entity.type
_entity.pdbx_description
1 polymer 'TT1252 protein'
2 non-polymer 'PHOSPHATE ION'
3 non-polymer "ADENOSINE-5'-TRIPHOSPHATE"
4 water water
#
_entity_poly.entity_id   1
_entity_poly.type   'polypeptide(L)'
_entity_poly.pdbx_seq_one_letter_code
;(MSE)GHEAKHPIIIGITGNIGSGKSTVAALLRSWGYPVLDLDALAARARENKEEELKRLFPEAVVGGRLDRRALARLVF
SDPERLKALEAVVHPEVRRLL(MSE)EELSRLEAPLVFLEIPLLFEKGWEGRLHGTLLVAAPLEERVRRV(MSE)ARSGL
SREEVLARERAQ(MSE)PEEEKRKRATWVLENTGSLEDLERALKAVLAELTGGATEGRG
;
_entity_poly.pdbx_strand_id   A,B,C
#
loop_
_chem_comp.id
_chem_comp.type
_chem_comp.name
_chem_comp.formula
ATP non-polymer ADENOSINE-5'-TRIPHOSPHATE 'C10 H16 N5 O13 P3'
PO4 non-polymer 'PHOSPHATE ION' 'O4 P -3'
#
# COMPACT_ATOMS: atom_id res chain seq x y z
N LYS A 6 -27.22 -30.98 -22.63
CA LYS A 6 -27.22 -29.68 -23.37
C LYS A 6 -25.96 -28.88 -23.04
N HIS A 7 -25.95 -27.61 -23.43
CA HIS A 7 -24.80 -26.74 -23.18
C HIS A 7 -24.94 -26.05 -21.84
N PRO A 8 -24.01 -26.33 -20.93
CA PRO A 8 -24.07 -25.70 -19.61
C PRO A 8 -23.62 -24.24 -19.69
N ILE A 9 -24.23 -23.38 -18.88
CA ILE A 9 -23.84 -21.99 -18.85
C ILE A 9 -22.59 -21.91 -17.97
N ILE A 10 -21.52 -21.39 -18.54
CA ILE A 10 -20.25 -21.28 -17.84
C ILE A 10 -20.16 -19.92 -17.19
N ILE A 11 -19.91 -19.90 -15.89
CA ILE A 11 -19.79 -18.64 -15.18
C ILE A 11 -18.40 -18.51 -14.56
N GLY A 12 -17.80 -17.34 -14.73
CA GLY A 12 -16.50 -17.07 -14.16
C GLY A 12 -16.65 -16.40 -12.82
N ILE A 13 -15.96 -16.94 -11.82
CA ILE A 13 -15.98 -16.38 -10.47
C ILE A 13 -14.64 -15.71 -10.29
N THR A 14 -14.64 -14.44 -9.94
CA THR A 14 -13.38 -13.78 -9.72
C THR A 14 -13.50 -12.76 -8.63
N GLY A 15 -12.34 -12.30 -8.15
CA GLY A 15 -12.28 -11.31 -7.09
C GLY A 15 -10.83 -10.95 -6.85
N ASN A 16 -10.57 -9.90 -6.09
CA ASN A 16 -9.22 -9.46 -5.82
C ASN A 16 -8.57 -10.10 -4.58
N ILE A 17 -7.30 -9.76 -4.35
CA ILE A 17 -6.57 -10.28 -3.21
C ILE A 17 -7.34 -10.10 -1.92
N GLY A 18 -7.74 -11.20 -1.29
CA GLY A 18 -8.45 -11.10 -0.02
C GLY A 18 -9.96 -10.98 -0.07
N SER A 19 -10.52 -11.05 -1.27
CA SER A 19 -11.97 -10.96 -1.47
C SER A 19 -12.67 -12.14 -0.82
N GLY A 20 -12.00 -13.29 -0.78
CA GLY A 20 -12.59 -14.47 -0.19
C GLY A 20 -13.36 -15.33 -1.16
N LYS A 21 -13.11 -15.15 -2.47
CA LYS A 21 -13.81 -15.92 -3.48
C LYS A 21 -13.64 -17.41 -3.17
N SER A 22 -12.58 -17.73 -2.43
CA SER A 22 -12.32 -19.11 -2.04
C SER A 22 -13.56 -19.59 -1.29
N THR A 23 -13.99 -18.78 -0.33
CA THR A 23 -15.15 -19.11 0.45
C THR A 23 -16.39 -19.26 -0.39
N VAL A 24 -16.55 -18.37 -1.36
CA VAL A 24 -17.73 -18.41 -2.24
C VAL A 24 -17.85 -19.73 -3.01
N ALA A 25 -16.74 -20.21 -3.56
CA ALA A 25 -16.76 -21.46 -4.32
C ALA A 25 -17.04 -22.65 -3.42
N ALA A 26 -16.38 -22.68 -2.27
CA ALA A 26 -16.58 -23.77 -1.30
C ALA A 26 -18.06 -23.85 -1.02
N LEU A 27 -18.71 -22.69 -0.90
CA LEU A 27 -20.13 -22.67 -0.64
C LEU A 27 -20.95 -23.22 -1.80
N LEU A 28 -20.50 -22.99 -3.04
CA LEU A 28 -21.22 -23.50 -4.21
C LEU A 28 -20.99 -24.99 -4.39
N ARG A 29 -19.86 -25.48 -3.88
CA ARG A 29 -19.55 -26.90 -3.96
C ARG A 29 -20.35 -27.58 -2.85
N SER A 30 -20.41 -26.92 -1.70
CA SER A 30 -21.18 -27.44 -0.57
C SER A 30 -22.64 -27.54 -0.99
N TRP A 31 -23.08 -26.62 -1.83
CA TRP A 31 -24.46 -26.65 -2.30
C TRP A 31 -24.59 -27.57 -3.51
N GLY A 32 -23.48 -28.21 -3.87
CA GLY A 32 -23.52 -29.15 -4.98
C GLY A 32 -23.49 -28.67 -6.41
N TYR A 33 -22.57 -27.76 -6.73
CA TYR A 33 -22.41 -27.29 -8.09
C TYR A 33 -20.97 -27.54 -8.47
N PRO A 34 -20.72 -27.91 -9.73
CA PRO A 34 -19.31 -28.14 -10.09
C PRO A 34 -18.64 -26.77 -10.11
N VAL A 35 -17.40 -26.69 -9.61
CA VAL A 35 -16.65 -25.45 -9.57
C VAL A 35 -15.19 -25.76 -9.84
N LEU A 36 -14.81 -25.73 -11.12
CA LEU A 36 -13.44 -26.02 -11.58
C LEU A 36 -12.46 -24.91 -11.23
N ASP A 37 -11.28 -25.30 -10.75
CA ASP A 37 -10.25 -24.33 -10.38
C ASP A 37 -9.20 -24.18 -11.47
N LEU A 38 -9.32 -23.11 -12.25
CA LEU A 38 -8.40 -22.83 -13.35
C LEU A 38 -6.97 -22.69 -12.87
N ASP A 39 -6.81 -22.34 -11.60
CA ASP A 39 -5.48 -22.17 -11.03
C ASP A 39 -4.79 -23.52 -11.04
N ALA A 40 -5.52 -24.55 -10.60
CA ALA A 40 -5.00 -25.90 -10.55
C ALA A 40 -4.67 -26.38 -11.97
N LEU A 41 -5.53 -26.03 -12.92
CA LEU A 41 -5.30 -26.43 -14.31
C LEU A 41 -4.02 -25.78 -14.80
N ALA A 42 -3.90 -24.48 -14.54
CA ALA A 42 -2.72 -23.74 -14.95
C ALA A 42 -1.51 -24.57 -14.54
N ALA A 43 -1.58 -25.11 -13.33
CA ALA A 43 -0.50 -25.92 -12.81
C ALA A 43 -0.30 -27.18 -13.62
N ARG A 44 -1.35 -28.00 -13.69
CA ARG A 44 -1.25 -29.24 -14.44
C ARG A 44 -0.77 -28.98 -15.85
N ALA A 45 -1.24 -27.88 -16.42
CA ALA A 45 -0.85 -27.52 -17.78
C ALA A 45 0.66 -27.30 -17.82
N ARG A 46 1.13 -26.48 -16.89
CA ARG A 46 2.55 -26.19 -16.83
C ARG A 46 3.34 -27.48 -16.77
N GLU A 47 2.90 -28.42 -15.94
CA GLU A 47 3.58 -29.69 -15.81
C GLU A 47 3.52 -30.48 -17.12
N ASN A 48 2.37 -30.41 -17.80
CA ASN A 48 2.16 -31.10 -19.06
C ASN A 48 3.05 -30.59 -20.18
N LYS A 49 3.08 -29.28 -20.36
CA LYS A 49 3.90 -28.71 -21.40
C LYS A 49 5.23 -28.23 -20.84
N GLU A 50 5.79 -29.04 -19.94
CA GLU A 50 7.06 -28.76 -19.27
C GLU A 50 8.21 -28.70 -20.27
N GLU A 51 8.34 -29.73 -21.11
CA GLU A 51 9.40 -29.79 -22.10
C GLU A 51 9.44 -28.49 -22.90
N GLU A 52 8.29 -28.10 -23.43
CA GLU A 52 8.17 -26.88 -24.23
C GLU A 52 8.69 -25.68 -23.45
N LEU A 53 8.37 -25.63 -22.16
CA LEU A 53 8.79 -24.55 -21.28
C LEU A 53 10.26 -24.64 -20.93
N LYS A 54 10.76 -25.85 -20.73
CA LYS A 54 12.17 -26.04 -20.39
C LYS A 54 13.08 -25.57 -21.52
N ARG A 55 12.49 -25.33 -22.68
CA ARG A 55 13.25 -24.85 -23.83
C ARG A 55 13.01 -23.37 -24.07
N LEU A 56 11.83 -22.89 -23.67
CA LEU A 56 11.49 -21.48 -23.82
C LEU A 56 12.18 -20.68 -22.73
N PHE A 57 12.51 -21.35 -21.63
CA PHE A 57 13.15 -20.68 -20.51
C PHE A 57 14.28 -21.51 -19.89
N PRO A 58 15.33 -21.80 -20.66
CA PRO A 58 16.47 -22.59 -20.16
C PRO A 58 16.95 -22.10 -18.82
N GLU A 59 17.02 -20.78 -18.68
CA GLU A 59 17.48 -20.14 -17.46
C GLU A 59 16.75 -20.61 -16.20
N ALA A 60 15.59 -21.25 -16.37
CA ALA A 60 14.81 -21.71 -15.24
C ALA A 60 14.97 -23.20 -14.97
N VAL A 61 15.63 -23.90 -15.89
CA VAL A 61 15.83 -25.33 -15.73
C VAL A 61 17.11 -25.63 -14.93
N VAL A 62 16.91 -26.16 -13.72
CA VAL A 62 18.03 -26.49 -12.84
C VAL A 62 18.14 -28.00 -12.65
N GLY A 63 19.19 -28.58 -13.23
CA GLY A 63 19.39 -30.00 -13.10
C GLY A 63 18.30 -30.84 -13.71
N GLY A 64 17.84 -30.44 -14.89
CA GLY A 64 16.80 -31.17 -15.58
C GLY A 64 15.39 -30.81 -15.12
N ARG A 65 15.32 -30.05 -14.03
CA ARG A 65 14.02 -29.67 -13.50
C ARG A 65 13.73 -28.18 -13.71
N LEU A 66 12.52 -27.90 -14.19
CA LEU A 66 12.10 -26.52 -14.40
C LEU A 66 11.74 -25.96 -13.02
N ASP A 67 12.55 -25.04 -12.51
CA ASP A 67 12.28 -24.46 -11.20
C ASP A 67 11.14 -23.45 -11.26
N ARG A 68 10.04 -23.78 -10.59
CA ARG A 68 8.85 -22.92 -10.57
C ARG A 68 9.16 -21.51 -10.04
N ARG A 69 10.13 -21.39 -9.14
CA ARG A 69 10.51 -20.09 -8.60
C ARG A 69 11.12 -19.25 -9.72
N ALA A 70 12.28 -19.70 -10.18
CA ALA A 70 13.02 -19.03 -11.24
C ALA A 70 12.12 -18.67 -12.42
N LEU A 71 11.36 -19.64 -12.88
CA LEU A 71 10.45 -19.43 -13.99
C LEU A 71 9.63 -18.16 -13.80
N ALA A 72 9.06 -18.01 -12.62
CA ALA A 72 8.23 -16.85 -12.30
C ALA A 72 9.00 -15.56 -12.09
N ARG A 73 10.20 -15.64 -11.52
CA ARG A 73 10.98 -14.45 -11.31
C ARG A 73 11.46 -14.00 -12.69
N LEU A 74 11.65 -14.97 -13.57
CA LEU A 74 12.09 -14.71 -14.94
C LEU A 74 10.90 -14.17 -15.72
N VAL A 75 9.87 -15.00 -15.84
CA VAL A 75 8.65 -14.63 -16.56
C VAL A 75 8.14 -13.24 -16.21
N PHE A 76 8.12 -12.91 -14.92
CA PHE A 76 7.64 -11.61 -14.47
C PHE A 76 8.72 -10.55 -14.42
N SER A 77 9.75 -10.67 -15.26
CA SER A 77 10.82 -9.67 -15.26
C SER A 77 10.77 -8.84 -16.52
N ASP A 78 10.32 -9.47 -17.61
CA ASP A 78 10.17 -8.81 -18.92
C ASP A 78 8.87 -9.32 -19.53
N PRO A 79 7.98 -8.40 -19.92
CA PRO A 79 6.67 -8.72 -20.51
C PRO A 79 6.69 -9.73 -21.66
N GLU A 80 7.66 -9.56 -22.54
CA GLU A 80 7.82 -10.41 -23.72
C GLU A 80 7.79 -11.88 -23.31
N ARG A 81 8.59 -12.24 -22.31
CA ARG A 81 8.63 -13.62 -21.86
C ARG A 81 7.31 -14.06 -21.26
N LEU A 82 6.78 -13.26 -20.34
CA LEU A 82 5.51 -13.60 -19.72
C LEU A 82 4.51 -13.94 -20.81
N LYS A 83 4.46 -13.11 -21.85
CA LYS A 83 3.54 -13.33 -22.97
C LYS A 83 3.84 -14.61 -23.75
N ALA A 84 5.11 -15.01 -23.75
CA ALA A 84 5.56 -16.19 -24.46
C ALA A 84 5.21 -17.47 -23.72
N LEU A 85 5.11 -17.35 -22.39
CA LEU A 85 4.78 -18.49 -21.53
C LEU A 85 3.27 -18.67 -21.53
N GLU A 86 2.55 -17.56 -21.53
CA GLU A 86 1.09 -17.63 -21.53
C GLU A 86 0.59 -18.16 -22.86
N ALA A 87 1.46 -18.12 -23.86
CA ALA A 87 1.13 -18.58 -25.22
C ALA A 87 1.14 -20.10 -25.33
N VAL A 88 1.72 -20.75 -24.33
CA VAL A 88 1.78 -22.21 -24.30
C VAL A 88 0.83 -22.76 -23.24
N VAL A 89 0.76 -22.08 -22.10
CA VAL A 89 -0.09 -22.53 -21.02
C VAL A 89 -1.59 -22.32 -21.20
N HIS A 90 -1.98 -21.13 -21.64
CA HIS A 90 -3.40 -20.85 -21.83
C HIS A 90 -4.11 -21.79 -22.80
N PRO A 91 -3.43 -22.20 -23.89
CA PRO A 91 -4.02 -23.13 -24.86
C PRO A 91 -4.19 -24.49 -24.20
N GLU A 92 -3.14 -24.94 -23.51
CA GLU A 92 -3.18 -26.22 -22.79
C GLU A 92 -4.17 -26.11 -21.64
N VAL A 93 -4.20 -24.96 -20.98
CA VAL A 93 -5.12 -24.75 -19.88
C VAL A 93 -6.55 -25.00 -20.35
N ARG A 94 -6.90 -24.51 -21.54
CA ARG A 94 -8.24 -24.67 -22.07
C ARG A 94 -8.48 -26.08 -22.62
N ARG A 95 -7.45 -26.70 -23.19
CA ARG A 95 -7.57 -28.05 -23.72
C ARG A 95 -8.06 -28.93 -22.57
N LEU A 96 -7.44 -28.75 -21.40
CA LEU A 96 -7.80 -29.48 -20.18
C LEU A 96 -9.14 -29.02 -19.59
N LEU A 97 -9.45 -27.73 -19.69
CA LEU A 97 -10.71 -27.21 -19.16
C LEU A 97 -11.90 -27.81 -19.88
N MSE A 98 -11.70 -28.18 -21.14
CA MSE A 98 -12.79 -28.77 -21.89
C MSE A 98 -12.82 -30.26 -21.64
O MSE A 98 -13.87 -30.90 -21.75
CB MSE A 98 -12.64 -28.43 -23.37
CG MSE A 98 -13.16 -27.03 -23.70
SE MSE A 98 -12.97 -26.49 -25.54
CE MSE A 98 -11.33 -25.47 -25.41
N GLU A 99 -11.67 -30.81 -21.29
CA GLU A 99 -11.58 -32.23 -20.99
C GLU A 99 -12.49 -32.36 -19.78
N GLU A 100 -12.20 -31.57 -18.75
CA GLU A 100 -12.97 -31.58 -17.54
C GLU A 100 -14.45 -31.39 -17.82
N LEU A 101 -14.79 -30.38 -18.61
CA LEU A 101 -16.20 -30.12 -18.94
C LEU A 101 -16.81 -31.29 -19.66
N SER A 102 -15.97 -32.03 -20.36
CA SER A 102 -16.41 -33.19 -21.12
C SER A 102 -17.01 -34.27 -20.21
N ARG A 103 -16.56 -34.34 -18.96
CA ARG A 103 -17.06 -35.33 -18.01
C ARG A 103 -18.19 -34.81 -17.12
N LEU A 104 -18.76 -33.66 -17.47
CA LEU A 104 -19.82 -33.10 -16.66
C LEU A 104 -21.15 -33.13 -17.37
N GLU A 105 -22.23 -33.13 -16.60
CA GLU A 105 -23.57 -33.16 -17.17
C GLU A 105 -24.47 -32.17 -16.47
N ALA A 106 -23.88 -31.33 -15.63
CA ALA A 106 -24.66 -30.33 -14.93
C ALA A 106 -24.90 -29.22 -15.93
N PRO A 107 -26.00 -28.48 -15.77
CA PRO A 107 -26.41 -27.36 -16.63
C PRO A 107 -25.80 -26.01 -16.25
N LEU A 108 -24.94 -26.00 -15.24
CA LEU A 108 -24.32 -24.78 -14.76
C LEU A 108 -22.95 -25.10 -14.18
N VAL A 109 -21.91 -24.44 -14.67
CA VAL A 109 -20.58 -24.71 -14.15
C VAL A 109 -19.90 -23.40 -13.74
N PHE A 110 -19.06 -23.47 -12.72
CA PHE A 110 -18.36 -22.29 -12.25
C PHE A 110 -16.88 -22.44 -12.47
N LEU A 111 -16.20 -21.32 -12.64
CA LEU A 111 -14.77 -21.36 -12.86
C LEU A 111 -14.08 -20.30 -12.02
N GLU A 112 -13.18 -20.76 -11.16
CA GLU A 112 -12.40 -19.90 -10.30
C GLU A 112 -11.27 -19.40 -11.19
N ILE A 113 -11.46 -18.23 -11.78
CA ILE A 113 -10.43 -17.69 -12.63
C ILE A 113 -9.87 -16.42 -12.02
N PRO A 114 -8.86 -16.57 -11.15
CA PRO A 114 -8.33 -15.33 -10.59
C PRO A 114 -7.69 -14.67 -11.80
N LEU A 115 -7.66 -13.34 -11.83
CA LEU A 115 -7.10 -12.65 -12.99
C LEU A 115 -8.00 -12.91 -14.19
N LEU A 116 -9.31 -13.03 -13.95
CA LEU A 116 -10.29 -13.29 -15.00
C LEU A 116 -10.34 -12.17 -16.07
N PHE A 117 -10.58 -10.96 -15.62
CA PHE A 117 -10.67 -9.84 -16.53
C PHE A 117 -9.33 -9.46 -17.09
N GLU A 118 -8.34 -9.34 -16.20
CA GLU A 118 -7.00 -8.94 -16.60
C GLU A 118 -6.40 -9.82 -17.68
N LYS A 119 -6.77 -11.10 -17.71
CA LYS A 119 -6.25 -12.02 -18.72
C LYS A 119 -7.28 -12.36 -19.80
N GLY A 120 -8.23 -11.45 -20.01
CA GLY A 120 -9.22 -11.65 -21.04
C GLY A 120 -10.05 -12.93 -21.06
N TRP A 121 -10.76 -13.18 -19.97
CA TRP A 121 -11.62 -14.35 -19.93
C TRP A 121 -13.07 -13.93 -20.19
N GLU A 122 -13.38 -12.66 -19.91
CA GLU A 122 -14.75 -12.19 -20.07
C GLU A 122 -15.46 -12.74 -21.29
N GLY A 123 -14.90 -12.51 -22.47
CA GLY A 123 -15.52 -12.97 -23.69
C GLY A 123 -15.52 -14.48 -23.88
N ARG A 124 -15.09 -15.21 -22.86
CA ARG A 124 -15.04 -16.65 -22.94
C ARG A 124 -16.07 -17.32 -22.03
N LEU A 125 -16.82 -16.52 -21.27
CA LEU A 125 -17.81 -17.03 -20.34
C LEU A 125 -19.24 -16.54 -20.64
N HIS A 126 -20.25 -17.14 -20.01
CA HIS A 126 -21.62 -16.72 -20.26
C HIS A 126 -22.04 -15.70 -19.22
N GLY A 127 -21.12 -15.39 -18.33
CA GLY A 127 -21.38 -14.41 -17.28
C GLY A 127 -20.27 -14.46 -16.25
N THR A 128 -20.14 -13.41 -15.46
CA THR A 128 -19.10 -13.35 -14.44
C THR A 128 -19.60 -12.91 -13.06
N LEU A 129 -19.24 -13.70 -12.06
CA LEU A 129 -19.63 -13.45 -10.69
C LEU A 129 -18.44 -12.80 -9.99
N LEU A 130 -18.57 -11.52 -9.64
CA LEU A 130 -17.50 -10.79 -8.98
C LEU A 130 -17.72 -10.75 -7.47
N VAL A 131 -16.75 -11.25 -6.72
CA VAL A 131 -16.84 -11.24 -5.26
C VAL A 131 -16.00 -10.07 -4.80
N ALA A 132 -16.65 -9.08 -4.18
CA ALA A 132 -15.95 -7.91 -3.70
C ALA A 132 -16.10 -7.73 -2.20
N ALA A 133 -15.21 -6.93 -1.62
CA ALA A 133 -15.20 -6.64 -0.21
C ALA A 133 -14.39 -5.36 0.02
N PRO A 134 -14.59 -4.69 1.17
CA PRO A 134 -13.82 -3.47 1.41
C PRO A 134 -12.34 -3.78 1.29
N LEU A 135 -11.54 -2.80 0.89
CA LEU A 135 -10.12 -3.03 0.75
C LEU A 135 -9.54 -3.30 2.14
N GLU A 136 -9.98 -2.53 3.13
CA GLU A 136 -9.47 -2.70 4.48
C GLU A 136 -9.66 -4.13 5.00
N GLU A 137 -10.87 -4.66 4.88
CA GLU A 137 -11.17 -6.02 5.33
C GLU A 137 -10.36 -7.03 4.52
N ARG A 138 -10.16 -6.76 3.24
CA ARG A 138 -9.39 -7.63 2.38
C ARG A 138 -7.93 -7.67 2.82
N VAL A 139 -7.35 -6.49 3.02
CA VAL A 139 -5.96 -6.38 3.45
C VAL A 139 -5.74 -7.15 4.75
N ARG A 140 -6.58 -6.90 5.75
CA ARG A 140 -6.47 -7.59 7.04
C ARG A 140 -6.55 -9.10 6.85
N ARG A 141 -7.57 -9.51 6.09
CA ARG A 141 -7.82 -10.90 5.77
C ARG A 141 -6.56 -11.57 5.18
N VAL A 142 -5.78 -10.83 4.41
CA VAL A 142 -4.58 -11.36 3.81
C VAL A 142 -3.43 -11.33 4.80
N MSE A 143 -3.35 -10.26 5.59
CA MSE A 143 -2.29 -10.15 6.57
C MSE A 143 -2.36 -11.35 7.53
O MSE A 143 -1.39 -11.68 8.20
CB MSE A 143 -2.42 -8.84 7.34
CG MSE A 143 -2.40 -7.59 6.46
SE MSE A 143 -2.16 -5.94 7.45
CE MSE A 143 -3.73 -6.03 8.58
N ALA A 144 -3.52 -12.01 7.56
CA ALA A 144 -3.72 -13.18 8.43
C ALA A 144 -3.38 -14.46 7.66
N ARG A 145 -2.63 -14.30 6.57
CA ARG A 145 -2.23 -15.42 5.73
C ARG A 145 -0.71 -15.41 5.59
N SER A 146 -0.17 -14.25 5.28
CA SER A 146 1.27 -14.10 5.12
C SER A 146 1.75 -13.02 6.07
N GLY A 147 0.81 -12.20 6.56
CA GLY A 147 1.18 -11.13 7.44
C GLY A 147 2.37 -10.45 6.80
N LEU A 148 2.20 -10.05 5.54
CA LEU A 148 3.28 -9.41 4.81
C LEU A 148 3.20 -7.90 4.80
N SER A 149 3.57 -7.29 5.92
CA SER A 149 3.64 -5.84 6.04
C SER A 149 2.39 -5.00 5.78
N ARG A 150 1.41 -5.55 5.07
CA ARG A 150 0.21 -4.79 4.73
C ARG A 150 0.56 -3.84 3.58
N GLU A 151 1.68 -3.14 3.75
CA GLU A 151 2.15 -2.19 2.75
C GLU A 151 2.59 -2.97 1.52
N GLU A 152 3.12 -4.16 1.76
CA GLU A 152 3.55 -5.05 0.69
C GLU A 152 2.28 -5.47 -0.02
N VAL A 153 1.28 -5.87 0.78
CA VAL A 153 -0.01 -6.30 0.25
C VAL A 153 -0.62 -5.23 -0.64
N LEU A 154 -0.72 -4.02 -0.10
CA LEU A 154 -1.29 -2.89 -0.82
C LEU A 154 -0.67 -2.78 -2.21
N ALA A 155 0.57 -3.26 -2.36
CA ALA A 155 1.28 -3.21 -3.63
C ALA A 155 0.92 -4.40 -4.54
N ARG A 156 0.50 -5.50 -3.93
CA ARG A 156 0.08 -6.69 -4.68
C ARG A 156 -1.33 -6.41 -5.17
N GLU A 157 -2.13 -5.77 -4.31
CA GLU A 157 -3.49 -5.40 -4.62
C GLU A 157 -3.50 -4.54 -5.88
N ARG A 158 -2.53 -3.63 -5.98
CA ARG A 158 -2.44 -2.77 -7.15
C ARG A 158 -1.91 -3.57 -8.35
N ALA A 159 -1.67 -4.86 -8.17
CA ALA A 159 -1.15 -5.68 -9.27
C ALA A 159 -2.24 -6.09 -10.24
N GLN A 160 -3.48 -6.04 -9.78
CA GLN A 160 -4.63 -6.43 -10.60
C GLN A 160 -5.49 -5.25 -10.99
N MSE A 161 -6.39 -5.50 -11.95
CA MSE A 161 -7.33 -4.48 -12.40
C MSE A 161 -8.13 -4.11 -11.16
O MSE A 161 -8.73 -4.97 -10.50
CB MSE A 161 -8.24 -5.07 -13.47
CG MSE A 161 -9.32 -4.12 -13.97
SE MSE A 161 -10.59 -5.01 -15.15
CE MSE A 161 -9.33 -5.49 -16.60
N PRO A 162 -8.16 -2.81 -10.81
CA PRO A 162 -8.89 -2.36 -9.62
C PRO A 162 -10.29 -2.97 -9.57
N GLU A 163 -10.79 -3.11 -8.36
CA GLU A 163 -12.09 -3.70 -8.13
C GLU A 163 -13.21 -2.83 -8.68
N GLU A 164 -13.07 -1.53 -8.56
CA GLU A 164 -14.10 -0.62 -9.08
C GLU A 164 -14.31 -0.93 -10.55
N GLU A 165 -13.20 -1.18 -11.26
CA GLU A 165 -13.26 -1.50 -12.68
C GLU A 165 -13.88 -2.87 -12.93
N LYS A 166 -13.50 -3.85 -12.12
CA LYS A 166 -14.05 -5.18 -12.27
C LYS A 166 -15.53 -5.11 -11.96
N ARG A 167 -15.87 -4.27 -10.99
CA ARG A 167 -17.24 -4.10 -10.56
C ARG A 167 -18.11 -3.49 -11.65
N LYS A 168 -17.52 -2.57 -12.40
CA LYS A 168 -18.23 -1.88 -13.48
C LYS A 168 -18.58 -2.83 -14.63
N ARG A 169 -17.84 -3.91 -14.75
CA ARG A 169 -18.11 -4.81 -15.85
C ARG A 169 -18.51 -6.22 -15.51
N ALA A 170 -18.77 -6.54 -14.25
CA ALA A 170 -19.17 -7.91 -13.95
C ALA A 170 -20.68 -8.03 -14.02
N THR A 171 -21.16 -9.23 -14.33
CA THR A 171 -22.59 -9.49 -14.41
C THR A 171 -23.26 -9.35 -13.03
N TRP A 172 -22.67 -10.00 -12.03
CA TRP A 172 -23.17 -9.98 -10.65
C TRP A 172 -22.04 -9.63 -9.69
N VAL A 173 -22.40 -9.06 -8.55
CA VAL A 173 -21.40 -8.67 -7.55
C VAL A 173 -21.83 -9.07 -6.15
N LEU A 174 -20.96 -9.75 -5.42
CA LEU A 174 -21.23 -10.19 -4.06
C LEU A 174 -20.42 -9.40 -3.04
N GLU A 175 -21.10 -8.85 -2.03
CA GLU A 175 -20.42 -8.07 -1.00
C GLU A 175 -19.91 -8.99 0.12
N ASN A 176 -19.66 -8.44 1.31
CA ASN A 176 -19.17 -9.29 2.38
C ASN A 176 -19.28 -8.74 3.79
N THR A 177 -19.78 -9.62 4.66
CA THR A 177 -20.00 -9.33 6.07
C THR A 177 -20.07 -10.65 6.87
N GLY A 178 -21.28 -11.05 7.24
CA GLY A 178 -21.45 -12.28 7.99
C GLY A 178 -21.87 -13.41 7.08
N SER A 179 -21.20 -14.56 7.20
CA SER A 179 -21.48 -15.72 6.34
C SER A 179 -22.96 -15.93 6.01
N LEU A 180 -23.84 -15.45 6.89
CA LEU A 180 -25.27 -15.59 6.66
C LEU A 180 -25.69 -14.73 5.47
N GLU A 181 -25.33 -13.45 5.49
CA GLU A 181 -25.69 -12.56 4.39
C GLU A 181 -25.06 -13.10 3.11
N ASP A 182 -23.81 -13.51 3.23
CA ASP A 182 -23.07 -14.06 2.10
C ASP A 182 -23.88 -15.21 1.55
N LEU A 183 -24.18 -16.17 2.42
CA LEU A 183 -24.95 -17.36 2.08
C LEU A 183 -26.24 -16.96 1.34
N GLU A 184 -26.73 -15.75 1.59
CA GLU A 184 -27.95 -15.28 0.94
C GLU A 184 -27.67 -14.73 -0.45
N ARG A 185 -26.75 -13.77 -0.54
CA ARG A 185 -26.42 -13.16 -1.82
C ARG A 185 -26.06 -14.18 -2.90
N ALA A 186 -25.14 -15.10 -2.62
CA ALA A 186 -24.80 -16.10 -3.64
C ALA A 186 -26.09 -16.85 -3.95
N LEU A 187 -26.99 -16.88 -2.97
CA LEU A 187 -28.26 -17.58 -3.12
C LEU A 187 -29.18 -16.81 -4.06
N LYS A 188 -29.02 -15.49 -4.07
CA LYS A 188 -29.82 -14.63 -4.92
C LYS A 188 -29.27 -14.67 -6.34
N ALA A 189 -27.96 -14.52 -6.49
CA ALA A 189 -27.35 -14.55 -7.81
C ALA A 189 -27.65 -15.91 -8.43
N VAL A 190 -27.34 -16.96 -7.69
CA VAL A 190 -27.55 -18.31 -8.18
C VAL A 190 -28.99 -18.53 -8.66
N LEU A 191 -29.93 -17.77 -8.11
CA LEU A 191 -31.34 -17.87 -8.49
C LEU A 191 -31.67 -17.29 -9.87
N ALA A 192 -30.98 -16.20 -10.25
CA ALA A 192 -31.19 -15.57 -11.55
C ALA A 192 -30.88 -16.58 -12.67
N GLU A 193 -30.24 -17.67 -12.28
CA GLU A 193 -29.89 -18.74 -13.21
C GLU A 193 -30.57 -20.01 -12.69
N LEU A 194 -31.89 -20.11 -12.90
CA LEU A 194 -32.65 -21.26 -12.46
C LEU A 194 -31.86 -22.56 -12.63
N THR A 195 -31.39 -23.13 -11.51
CA THR A 195 -30.60 -24.37 -11.55
C THR A 195 -30.83 -25.26 -10.32
N GLY A 196 -32.06 -25.28 -9.81
CA GLY A 196 -32.36 -26.10 -8.66
C GLY A 196 -33.38 -25.43 -7.74
N LYS B 6 -30.34 34.83 25.51
CA LYS B 6 -29.36 35.70 24.80
C LYS B 6 -28.74 34.95 23.61
N HIS B 7 -27.52 35.33 23.24
CA HIS B 7 -26.81 34.71 22.14
C HIS B 7 -25.50 34.08 22.56
N PRO B 8 -25.37 32.77 22.33
CA PRO B 8 -24.15 32.06 22.71
C PRO B 8 -23.00 32.34 21.72
N ILE B 9 -21.77 32.26 22.22
CA ILE B 9 -20.64 32.45 21.36
C ILE B 9 -20.38 31.02 20.92
N ILE B 10 -20.45 30.80 19.61
CA ILE B 10 -20.21 29.47 19.03
C ILE B 10 -18.76 29.35 18.59
N ILE B 11 -18.07 28.32 19.09
CA ILE B 11 -16.67 28.06 18.77
C ILE B 11 -16.51 26.75 18.00
N GLY B 12 -15.67 26.75 16.97
CA GLY B 12 -15.44 25.53 16.20
C GLY B 12 -14.14 24.87 16.66
N ILE B 13 -14.16 23.55 16.81
CA ILE B 13 -12.97 22.82 17.22
C ILE B 13 -12.57 21.98 16.03
N THR B 14 -11.30 21.97 15.69
CA THR B 14 -10.85 21.17 14.56
C THR B 14 -9.36 20.88 14.61
N GLY B 15 -8.93 19.96 13.77
CA GLY B 15 -7.52 19.60 13.69
C GLY B 15 -7.33 18.53 12.64
N ASN B 16 -6.10 18.28 12.24
CA ASN B 16 -5.89 17.23 11.25
C ASN B 16 -5.93 15.85 11.88
N ILE B 17 -5.68 14.82 11.08
CA ILE B 17 -5.65 13.44 11.55
C ILE B 17 -4.56 13.25 12.61
N GLY B 18 -4.85 12.44 13.63
CA GLY B 18 -3.87 12.19 14.67
C GLY B 18 -3.75 13.32 15.65
N SER B 19 -4.49 14.41 15.41
CA SER B 19 -4.44 15.57 16.30
C SER B 19 -4.70 15.20 17.76
N GLY B 20 -5.85 14.58 18.01
CA GLY B 20 -6.22 14.20 19.35
C GLY B 20 -7.41 15.03 19.78
N LYS B 21 -7.90 15.87 18.86
CA LYS B 21 -9.04 16.76 19.13
C LYS B 21 -10.26 16.08 19.78
N SER B 22 -10.41 14.76 19.62
CA SER B 22 -11.53 14.04 20.24
C SER B 22 -11.45 14.26 21.74
N THR B 23 -10.23 14.15 22.24
CA THR B 23 -9.93 14.32 23.64
C THR B 23 -10.31 15.70 24.20
N VAL B 24 -10.17 16.74 23.39
CA VAL B 24 -10.53 18.09 23.84
C VAL B 24 -12.04 18.16 23.94
N ALA B 25 -12.73 17.55 23.00
CA ALA B 25 -14.20 17.58 23.06
C ALA B 25 -14.59 16.78 24.30
N ALA B 26 -14.00 15.60 24.45
CA ALA B 26 -14.29 14.78 25.62
C ALA B 26 -14.03 15.59 26.90
N LEU B 27 -12.96 16.40 26.87
CA LEU B 27 -12.61 17.24 27.99
C LEU B 27 -13.66 18.33 28.27
N LEU B 28 -14.11 19.02 27.23
CA LEU B 28 -15.13 20.05 27.43
C LEU B 28 -16.42 19.37 27.84
N ARG B 29 -16.69 18.19 27.30
CA ARG B 29 -17.89 17.44 27.65
C ARG B 29 -17.81 17.16 29.16
N SER B 30 -16.70 16.57 29.59
CA SER B 30 -16.50 16.28 31.00
C SER B 30 -16.73 17.50 31.89
N TRP B 31 -16.25 18.66 31.45
CA TRP B 31 -16.41 19.88 32.23
C TRP B 31 -17.78 20.50 32.10
N GLY B 32 -18.69 19.85 31.37
CA GLY B 32 -20.03 20.38 31.25
C GLY B 32 -20.33 21.41 30.16
N TYR B 33 -19.76 21.23 28.96
CA TYR B 33 -20.03 22.15 27.87
C TYR B 33 -20.70 21.43 26.72
N PRO B 34 -21.69 22.08 26.08
CA PRO B 34 -22.35 21.43 24.96
C PRO B 34 -21.34 21.48 23.80
N VAL B 35 -21.12 20.35 23.15
CA VAL B 35 -20.19 20.24 22.03
C VAL B 35 -20.93 19.40 21.00
N LEU B 36 -21.37 20.02 19.92
CA LEU B 36 -22.12 19.30 18.91
C LEU B 36 -21.20 18.70 17.85
N ASP B 37 -21.53 17.49 17.42
CA ASP B 37 -20.72 16.81 16.41
C ASP B 37 -21.33 16.86 15.02
N LEU B 38 -20.75 17.70 14.17
CA LEU B 38 -21.22 17.88 12.80
C LEU B 38 -21.26 16.62 11.94
N ASP B 39 -20.32 15.69 12.13
CA ASP B 39 -20.32 14.46 11.35
C ASP B 39 -21.59 13.65 11.66
N ALA B 40 -21.98 13.65 12.94
CA ALA B 40 -23.16 12.92 13.38
C ALA B 40 -24.38 13.58 12.77
N LEU B 41 -24.35 14.91 12.72
CA LEU B 41 -25.46 15.67 12.12
C LEU B 41 -25.55 15.30 10.65
N ALA B 42 -24.39 15.21 10.00
CA ALA B 42 -24.33 14.85 8.59
C ALA B 42 -24.89 13.45 8.41
N ALA B 43 -24.48 12.56 9.30
CA ALA B 43 -24.94 11.19 9.25
C ALA B 43 -26.46 11.19 9.36
N ARG B 44 -27.00 11.98 10.28
CA ARG B 44 -28.43 12.01 10.47
C ARG B 44 -29.14 12.72 9.33
N ALA B 45 -28.60 13.88 8.94
CA ALA B 45 -29.18 14.63 7.85
C ALA B 45 -29.32 13.62 6.73
N ARG B 46 -28.20 12.97 6.43
CA ARG B 46 -28.12 11.96 5.40
C ARG B 46 -29.18 10.87 5.58
N GLU B 47 -29.57 10.62 6.82
CA GLU B 47 -30.56 9.59 7.11
C GLU B 47 -31.98 10.13 6.90
N ASN B 48 -32.22 11.35 7.38
CA ASN B 48 -33.54 11.94 7.23
C ASN B 48 -33.89 12.15 5.77
N LYS B 49 -32.89 12.36 4.94
CA LYS B 49 -33.14 12.58 3.53
C LYS B 49 -32.70 11.40 2.66
N GLU B 50 -33.06 10.21 3.10
CA GLU B 50 -32.72 8.99 2.37
C GLU B 50 -33.61 8.85 1.14
N GLU B 51 -34.92 8.93 1.36
CA GLU B 51 -35.90 8.83 0.29
C GLU B 51 -35.45 9.63 -0.94
N GLU B 52 -35.00 10.86 -0.70
CA GLU B 52 -34.53 11.71 -1.77
C GLU B 52 -33.26 11.14 -2.39
N LEU B 53 -32.23 10.95 -1.55
CA LEU B 53 -30.96 10.43 -2.01
C LEU B 53 -31.13 9.22 -2.93
N LYS B 54 -32.21 8.46 -2.73
CA LYS B 54 -32.47 7.31 -3.58
C LYS B 54 -32.82 7.75 -5.00
N ARG B 55 -33.41 8.93 -5.13
CA ARG B 55 -33.77 9.46 -6.45
C ARG B 55 -32.54 9.98 -7.18
N LEU B 56 -31.68 10.68 -6.46
CA LEU B 56 -30.47 11.23 -7.05
C LEU B 56 -29.39 10.17 -7.25
N PHE B 57 -29.59 9.00 -6.65
CA PHE B 57 -28.63 7.91 -6.79
C PHE B 57 -29.30 6.54 -6.86
N PRO B 58 -30.26 6.38 -7.80
CA PRO B 58 -30.98 5.12 -7.98
C PRO B 58 -30.09 3.91 -8.21
N GLU B 59 -28.83 4.16 -8.55
CA GLU B 59 -27.89 3.07 -8.78
C GLU B 59 -27.14 2.78 -7.49
N ALA B 60 -27.81 3.02 -6.37
CA ALA B 60 -27.21 2.79 -5.06
C ALA B 60 -28.26 2.24 -4.11
N VAL B 61 -29.43 1.92 -4.64
CA VAL B 61 -30.53 1.39 -3.84
C VAL B 61 -30.67 -0.12 -3.96
N VAL B 62 -29.79 -0.86 -3.29
CA VAL B 62 -29.85 -2.33 -3.35
C VAL B 62 -30.70 -2.88 -2.21
N GLY B 63 -31.95 -3.18 -2.53
CA GLY B 63 -32.87 -3.73 -1.54
C GLY B 63 -33.80 -2.69 -0.95
N GLY B 64 -34.46 -1.91 -1.80
CA GLY B 64 -35.36 -0.89 -1.31
C GLY B 64 -34.75 -0.12 -0.14
N ARG B 65 -33.49 0.25 -0.29
CA ARG B 65 -32.79 0.97 0.77
C ARG B 65 -31.51 1.58 0.20
N LEU B 66 -31.13 2.74 0.72
CA LEU B 66 -29.93 3.43 0.27
C LEU B 66 -28.68 2.81 0.88
N ASP B 67 -27.75 2.39 0.02
CA ASP B 67 -26.50 1.76 0.45
C ASP B 67 -25.33 2.73 0.59
N ARG B 68 -24.86 2.92 1.82
CA ARG B 68 -23.74 3.81 2.10
C ARG B 68 -22.52 3.53 1.21
N ARG B 69 -22.16 2.26 1.10
CA ARG B 69 -21.02 1.85 0.31
C ARG B 69 -21.18 2.26 -1.16
N ALA B 70 -22.34 1.95 -1.74
CA ALA B 70 -22.62 2.29 -3.15
C ALA B 70 -22.57 3.80 -3.34
N LEU B 71 -23.36 4.51 -2.55
CA LEU B 71 -23.42 5.96 -2.59
C LEU B 71 -21.99 6.50 -2.47
N ALA B 72 -21.25 5.95 -1.52
CA ALA B 72 -19.87 6.36 -1.28
C ALA B 72 -19.03 6.34 -2.56
N ARG B 73 -18.96 5.18 -3.22
CA ARG B 73 -18.18 5.08 -4.45
C ARG B 73 -18.76 6.10 -5.41
N LEU B 74 -19.98 5.80 -5.84
CA LEU B 74 -20.74 6.60 -6.77
C LEU B 74 -20.57 8.11 -6.62
N VAL B 75 -20.54 8.59 -5.38
CA VAL B 75 -20.38 10.01 -5.12
C VAL B 75 -18.93 10.48 -5.18
N PHE B 76 -18.08 9.80 -4.42
CA PHE B 76 -16.65 10.13 -4.38
C PHE B 76 -15.95 9.73 -5.68
N SER B 77 -16.63 9.95 -6.80
CA SER B 77 -16.10 9.63 -8.12
C SER B 77 -16.13 10.86 -9.02
N ASP B 78 -17.30 11.47 -9.15
CA ASP B 78 -17.46 12.66 -9.97
C ASP B 78 -18.11 13.75 -9.13
N PRO B 79 -17.42 14.88 -8.96
CA PRO B 79 -17.82 16.05 -8.19
C PRO B 79 -19.22 16.61 -8.43
N GLU B 80 -19.76 16.40 -9.64
CA GLU B 80 -21.07 16.95 -9.95
C GLU B 80 -22.19 16.29 -9.14
N ARG B 81 -22.12 14.98 -8.99
CA ARG B 81 -23.14 14.29 -8.21
C ARG B 81 -22.88 14.51 -6.73
N LEU B 82 -21.61 14.53 -6.35
CA LEU B 82 -21.27 14.76 -4.96
C LEU B 82 -21.94 16.07 -4.52
N LYS B 83 -21.92 17.07 -5.39
CA LYS B 83 -22.54 18.35 -5.07
C LYS B 83 -24.06 18.24 -4.87
N ALA B 84 -24.72 17.46 -5.72
CA ALA B 84 -26.17 17.29 -5.63
C ALA B 84 -26.48 16.54 -4.34
N LEU B 85 -25.55 15.70 -3.91
CA LEU B 85 -25.74 14.95 -2.67
C LEU B 85 -25.72 16.00 -1.56
N GLU B 86 -24.59 16.70 -1.47
CA GLU B 86 -24.44 17.75 -0.46
C GLU B 86 -25.60 18.72 -0.53
N ALA B 87 -25.88 19.19 -1.74
CA ALA B 87 -26.96 20.15 -1.98
C ALA B 87 -28.28 19.78 -1.31
N VAL B 88 -28.46 18.49 -1.05
CA VAL B 88 -29.67 17.99 -0.38
C VAL B 88 -29.37 17.75 1.09
N VAL B 89 -28.19 17.21 1.37
CA VAL B 89 -27.78 16.92 2.73
C VAL B 89 -27.42 18.19 3.52
N HIS B 90 -26.46 18.96 3.01
CA HIS B 90 -26.01 20.18 3.70
C HIS B 90 -27.11 21.04 4.31
N PRO B 91 -28.07 21.50 3.50
CA PRO B 91 -29.11 22.33 4.10
C PRO B 91 -29.73 21.68 5.33
N GLU B 92 -30.11 20.42 5.20
CA GLU B 92 -30.70 19.66 6.29
C GLU B 92 -29.77 19.70 7.51
N VAL B 93 -28.47 19.55 7.27
CA VAL B 93 -27.48 19.57 8.35
C VAL B 93 -27.52 20.86 9.14
N ARG B 94 -27.91 21.96 8.48
CA ARG B 94 -27.98 23.23 9.18
C ARG B 94 -29.31 23.30 9.90
N ARG B 95 -30.32 22.72 9.28
CA ARG B 95 -31.65 22.67 9.83
C ARG B 95 -31.55 22.00 11.20
N LEU B 96 -30.75 20.93 11.24
CA LEU B 96 -30.52 20.19 12.47
C LEU B 96 -29.68 20.97 13.46
N LEU B 97 -28.62 21.60 12.97
CA LEU B 97 -27.72 22.37 13.84
C LEU B 97 -28.47 23.46 14.55
N MSE B 98 -29.47 24.03 13.89
CA MSE B 98 -30.24 25.09 14.50
C MSE B 98 -31.18 24.53 15.53
O MSE B 98 -31.35 25.09 16.62
CB MSE B 98 -30.97 25.89 13.43
CG MSE B 98 -30.13 27.04 12.89
SE MSE B 98 -30.90 27.85 11.32
CE MSE B 98 -29.50 27.46 10.04
N GLU B 99 -31.79 23.40 15.19
CA GLU B 99 -32.72 22.71 16.07
C GLU B 99 -32.00 22.49 17.40
N GLU B 100 -30.83 21.87 17.33
CA GLU B 100 -30.04 21.60 18.53
C GLU B 100 -29.71 22.83 19.34
N LEU B 101 -29.20 23.88 18.71
CA LEU B 101 -28.88 25.09 19.45
C LEU B 101 -30.17 25.64 20.05
N SER B 102 -31.29 25.38 19.40
CA SER B 102 -32.57 25.84 19.91
C SER B 102 -32.83 25.27 21.29
N ARG B 103 -32.23 24.11 21.56
CA ARG B 103 -32.41 23.42 22.82
C ARG B 103 -31.41 23.82 23.88
N LEU B 104 -30.24 24.25 23.47
CA LEU B 104 -29.22 24.63 24.44
C LEU B 104 -29.48 26.03 24.96
N GLU B 105 -29.37 26.21 26.27
CA GLU B 105 -29.58 27.51 26.88
C GLU B 105 -28.22 28.03 27.37
N ALA B 106 -27.17 27.31 27.00
CA ALA B 106 -25.81 27.66 27.38
C ALA B 106 -25.24 28.86 26.63
N PRO B 107 -24.30 29.58 27.25
CA PRO B 107 -23.62 30.75 26.70
C PRO B 107 -22.45 30.43 25.74
N LEU B 108 -21.86 29.26 25.89
CA LEU B 108 -20.75 28.83 25.03
C LEU B 108 -21.11 27.47 24.40
N VAL B 109 -20.96 27.36 23.11
CA VAL B 109 -21.28 26.09 22.45
C VAL B 109 -20.10 25.76 21.53
N PHE B 110 -19.74 24.47 21.47
CA PHE B 110 -18.64 24.06 20.63
C PHE B 110 -19.16 23.14 19.55
N LEU B 111 -18.63 23.30 18.35
CA LEU B 111 -19.02 22.44 17.25
C LEU B 111 -17.75 21.68 16.89
N GLU B 112 -17.90 20.37 16.71
CA GLU B 112 -16.80 19.50 16.34
C GLU B 112 -16.89 19.44 14.85
N ILE B 113 -16.03 20.21 14.18
CA ILE B 113 -16.05 20.27 12.74
C ILE B 113 -14.77 19.85 12.03
N PRO B 114 -14.56 18.56 11.85
CA PRO B 114 -13.32 18.22 11.15
C PRO B 114 -13.56 18.84 9.77
N LEU B 115 -12.53 19.41 9.16
CA LEU B 115 -12.72 20.08 7.88
C LEU B 115 -13.37 21.43 8.08
N LEU B 116 -13.13 22.05 9.23
CA LEU B 116 -13.71 23.34 9.52
C LEU B 116 -13.25 24.39 8.52
N PHE B 117 -11.94 24.55 8.37
CA PHE B 117 -11.42 25.55 7.44
C PHE B 117 -11.65 25.20 5.98
N GLU B 118 -11.75 23.91 5.69
CA GLU B 118 -11.94 23.44 4.32
C GLU B 118 -13.30 23.80 3.70
N LYS B 119 -14.37 23.75 4.49
CA LYS B 119 -15.67 24.05 3.93
C LYS B 119 -16.24 25.40 4.31
N GLY B 120 -15.35 26.33 4.64
CA GLY B 120 -15.77 27.69 4.97
C GLY B 120 -16.68 27.91 6.16
N TRP B 121 -16.23 27.47 7.33
CA TRP B 121 -16.97 27.62 8.55
C TRP B 121 -16.37 28.79 9.34
N GLU B 122 -15.11 29.11 9.05
CA GLU B 122 -14.47 30.18 9.78
C GLU B 122 -15.32 31.43 9.86
N GLY B 123 -16.00 31.77 8.77
CA GLY B 123 -16.83 32.95 8.76
C GLY B 123 -18.15 32.78 9.47
N ARG B 124 -18.50 31.54 9.78
CA ARG B 124 -19.77 31.27 10.45
C ARG B 124 -19.60 31.08 11.96
N LEU B 125 -18.36 31.22 12.43
CA LEU B 125 -18.06 31.06 13.86
C LEU B 125 -17.50 32.30 14.54
N HIS B 126 -17.68 32.39 15.85
CA HIS B 126 -17.14 33.51 16.58
C HIS B 126 -15.66 33.29 16.85
N GLY B 127 -15.20 32.08 16.56
CA GLY B 127 -13.80 31.75 16.77
C GLY B 127 -13.52 30.32 16.37
N THR B 128 -12.24 29.96 16.35
CA THR B 128 -11.84 28.62 15.99
C THR B 128 -10.71 28.09 16.88
N LEU B 129 -10.90 26.87 17.38
CA LEU B 129 -9.94 26.23 18.26
C LEU B 129 -9.21 25.10 17.55
N LEU B 130 -7.97 25.35 17.14
CA LEU B 130 -7.20 24.33 16.44
C LEU B 130 -6.49 23.44 17.46
N VAL B 131 -6.57 22.13 17.24
CA VAL B 131 -5.91 21.18 18.08
C VAL B 131 -4.85 20.61 17.14
N ALA B 132 -3.58 20.70 17.53
CA ALA B 132 -2.52 20.22 16.68
C ALA B 132 -1.37 19.51 17.36
N ALA B 133 -0.51 18.93 16.53
CA ALA B 133 0.67 18.24 16.99
C ALA B 133 1.53 18.05 15.74
N PRO B 134 2.85 17.87 15.90
CA PRO B 134 3.75 17.68 14.76
C PRO B 134 3.21 16.59 13.84
N LEU B 135 3.61 16.63 12.57
CA LEU B 135 3.15 15.64 11.61
C LEU B 135 3.61 14.22 11.94
N GLU B 136 4.90 14.07 12.26
CA GLU B 136 5.45 12.76 12.57
C GLU B 136 4.71 12.10 13.73
N GLU B 137 4.46 12.89 14.77
CA GLU B 137 3.77 12.41 15.95
C GLU B 137 2.34 11.97 15.60
N ARG B 138 1.68 12.72 14.73
CA ARG B 138 0.32 12.40 14.34
C ARG B 138 0.29 11.16 13.48
N VAL B 139 1.31 10.97 12.65
CA VAL B 139 1.35 9.81 11.79
C VAL B 139 1.46 8.53 12.64
N ARG B 140 2.35 8.52 13.64
CA ARG B 140 2.50 7.36 14.51
C ARG B 140 1.17 7.11 15.20
N ARG B 141 0.68 8.14 15.90
CA ARG B 141 -0.58 8.10 16.61
C ARG B 141 -1.65 7.39 15.78
N VAL B 142 -1.76 7.74 14.51
CA VAL B 142 -2.73 7.11 13.62
C VAL B 142 -2.31 5.73 13.17
N MSE B 143 -1.00 5.48 13.19
CA MSE B 143 -0.50 4.18 12.76
C MSE B 143 -0.73 3.15 13.85
O MSE B 143 -1.09 2.01 13.57
CB MSE B 143 0.97 4.25 12.40
CG MSE B 143 1.26 4.98 11.10
SE MSE B 143 3.03 4.58 10.47
CE MSE B 143 4.01 5.95 11.43
N ALA B 144 -0.50 3.56 15.08
CA ALA B 144 -0.72 2.68 16.22
C ALA B 144 -2.21 2.39 16.17
N ARG B 145 -3.03 3.39 16.46
CA ARG B 145 -4.48 3.24 16.40
C ARG B 145 -4.76 2.73 14.99
N SER B 146 -5.74 1.84 14.82
CA SER B 146 -6.06 1.28 13.49
C SER B 146 -4.82 1.30 12.61
N GLY B 147 -4.10 0.19 12.66
CA GLY B 147 -2.84 0.01 11.94
C GLY B 147 -2.71 0.32 10.48
N LEU B 148 -2.83 1.59 10.12
CA LEU B 148 -2.71 1.99 8.73
C LEU B 148 -1.27 2.11 8.31
N SER B 149 -1.03 1.92 7.02
CA SER B 149 0.29 2.03 6.45
C SER B 149 0.68 3.50 6.47
N ARG B 150 1.98 3.79 6.62
CA ARG B 150 2.42 5.18 6.65
C ARG B 150 2.05 5.94 5.37
N GLU B 151 1.86 5.20 4.27
CA GLU B 151 1.48 5.82 3.01
C GLU B 151 0.00 6.19 3.04
N GLU B 152 -0.82 5.27 3.53
CA GLU B 152 -2.26 5.50 3.60
C GLU B 152 -2.60 6.65 4.53
N VAL B 153 -1.85 6.77 5.62
CA VAL B 153 -2.10 7.84 6.57
C VAL B 153 -1.73 9.18 5.97
N LEU B 154 -0.54 9.26 5.41
CA LEU B 154 -0.13 10.50 4.78
C LEU B 154 -1.02 10.85 3.60
N ALA B 155 -1.89 9.92 3.22
CA ALA B 155 -2.80 10.15 2.11
C ALA B 155 -3.99 10.92 2.65
N ARG B 156 -4.56 10.42 3.74
CA ARG B 156 -5.70 11.04 4.39
C ARG B 156 -5.31 12.34 5.09
N GLU B 157 -4.10 12.83 4.81
CA GLU B 157 -3.63 14.03 5.46
C GLU B 157 -3.41 15.15 4.44
N ARG B 158 -2.88 14.78 3.28
CA ARG B 158 -2.62 15.76 2.23
C ARG B 158 -3.96 16.14 1.61
N ALA B 159 -4.97 15.32 1.88
CA ALA B 159 -6.31 15.54 1.36
C ALA B 159 -6.99 16.65 2.14
N GLN B 160 -6.47 16.95 3.33
CA GLN B 160 -7.02 18.01 4.19
C GLN B 160 -6.10 19.21 4.04
N MSE B 161 -6.57 20.39 4.44
CA MSE B 161 -5.73 21.57 4.38
C MSE B 161 -4.57 21.35 5.36
O MSE B 161 -4.78 20.89 6.48
CB MSE B 161 -6.52 22.79 4.83
CG MSE B 161 -5.70 24.06 4.90
SE MSE B 161 -6.69 25.48 5.76
CE MSE B 161 -8.13 25.66 4.47
N PRO B 162 -3.34 21.65 4.96
CA PRO B 162 -2.22 21.45 5.88
C PRO B 162 -2.45 22.13 7.22
N GLU B 163 -1.85 21.56 8.27
CA GLU B 163 -1.95 22.08 9.62
C GLU B 163 -1.28 23.46 9.76
N GLU B 164 -0.14 23.63 9.09
CA GLU B 164 0.60 24.88 9.13
C GLU B 164 -0.30 26.05 8.75
N GLU B 165 -1.16 25.81 7.78
CA GLU B 165 -2.10 26.83 7.31
C GLU B 165 -3.20 27.04 8.33
N LYS B 166 -3.70 25.93 8.86
CA LYS B 166 -4.77 25.98 9.83
C LYS B 166 -4.27 26.76 11.03
N ARG B 167 -2.97 26.67 11.28
CA ARG B 167 -2.34 27.37 12.40
C ARG B 167 -2.29 28.87 12.15
N LYS B 168 -1.88 29.24 10.94
CA LYS B 168 -1.77 30.64 10.54
C LYS B 168 -3.05 31.43 10.72
N ARG B 169 -4.18 30.77 10.94
CA ARG B 169 -5.41 31.52 11.08
C ARG B 169 -6.42 31.11 12.15
N ALA B 170 -6.10 30.12 12.98
CA ALA B 170 -7.04 29.70 14.02
C ALA B 170 -6.98 30.68 15.18
N THR B 171 -8.12 30.93 15.81
CA THR B 171 -8.19 31.86 16.94
C THR B 171 -7.30 31.45 18.11
N TRP B 172 -7.23 30.13 18.34
CA TRP B 172 -6.43 29.54 19.41
C TRP B 172 -5.84 28.24 18.89
N VAL B 173 -4.72 27.82 19.45
CA VAL B 173 -4.11 26.57 19.06
C VAL B 173 -3.62 25.86 20.32
N LEU B 174 -3.95 24.57 20.44
CA LEU B 174 -3.50 23.78 21.57
C LEU B 174 -2.49 22.77 21.01
N GLU B 175 -1.32 22.67 21.63
CA GLU B 175 -0.31 21.73 21.17
C GLU B 175 -0.50 20.38 21.91
N ASN B 176 0.40 19.43 21.72
CA ASN B 176 0.25 18.15 22.41
C ASN B 176 1.53 17.53 22.93
N THR B 177 1.36 16.81 24.04
CA THR B 177 2.40 16.08 24.77
C THR B 177 1.69 15.26 25.87
N GLY B 178 1.36 15.90 26.99
CA GLY B 178 0.69 15.18 28.08
C GLY B 178 -0.68 15.73 28.48
N SER B 179 -1.60 14.85 28.86
CA SER B 179 -2.96 15.27 29.25
C SER B 179 -3.06 16.40 30.27
N LEU B 180 -2.07 16.50 31.15
CA LEU B 180 -2.08 17.55 32.16
C LEU B 180 -1.83 18.93 31.54
N GLU B 181 -0.93 18.99 30.56
CA GLU B 181 -0.66 20.26 29.91
C GLU B 181 -1.87 20.61 29.05
N ASP B 182 -2.45 19.59 28.43
CA ASP B 182 -3.62 19.79 27.57
C ASP B 182 -4.73 20.34 28.43
N LEU B 183 -4.97 19.68 29.56
CA LEU B 183 -6.02 20.12 30.46
C LEU B 183 -5.78 21.59 30.81
N GLU B 184 -4.54 21.94 31.11
CA GLU B 184 -4.21 23.32 31.45
C GLU B 184 -4.54 24.29 30.33
N ARG B 185 -3.99 24.01 29.15
CA ARG B 185 -4.19 24.84 27.96
C ARG B 185 -5.65 25.13 27.58
N ALA B 186 -6.51 24.12 27.53
CA ALA B 186 -7.91 24.35 27.18
C ALA B 186 -8.47 25.28 28.23
N LEU B 187 -8.04 25.09 29.46
CA LEU B 187 -8.50 25.92 30.56
C LEU B 187 -8.15 27.38 30.28
N LYS B 188 -7.06 27.58 29.55
CA LYS B 188 -6.60 28.92 29.22
C LYS B 188 -7.45 29.53 28.13
N ALA B 189 -7.71 28.80 27.07
CA ALA B 189 -8.55 29.32 26.00
C ALA B 189 -9.90 29.55 26.68
N VAL B 190 -10.39 28.51 27.35
CA VAL B 190 -11.66 28.62 28.06
C VAL B 190 -11.69 29.94 28.84
N LEU B 191 -10.65 30.20 29.63
CA LEU B 191 -10.61 31.44 30.41
C LEU B 191 -10.77 32.68 29.55
N ALA B 192 -10.00 32.79 28.49
CA ALA B 192 -10.08 33.95 27.61
C ALA B 192 -11.54 34.17 27.15
N GLU B 193 -12.39 33.16 27.30
CA GLU B 193 -13.79 33.28 26.92
C GLU B 193 -14.60 33.22 28.21
N LEU B 194 -14.19 33.95 29.23
CA LEU B 194 -14.87 33.97 30.52
C LEU B 194 -16.25 33.32 30.46
N THR B 195 -16.42 32.22 31.18
CA THR B 195 -17.70 31.51 31.21
C THR B 195 -17.90 30.74 32.51
N GLY B 196 -17.06 31.04 33.51
CA GLY B 196 -17.16 30.37 34.79
C GLY B 196 -15.99 30.69 35.71
N LYS C 6 43.71 11.96 10.14
CA LYS C 6 43.02 11.47 11.37
C LYS C 6 42.01 10.38 11.02
N HIS C 7 41.11 10.07 11.94
CA HIS C 7 40.11 9.03 11.70
C HIS C 7 38.79 9.59 11.21
N PRO C 8 38.48 9.38 9.92
CA PRO C 8 37.24 9.87 9.31
C PRO C 8 36.09 9.12 9.89
N ILE C 9 34.91 9.73 9.88
CA ILE C 9 33.76 9.00 10.39
C ILE C 9 33.19 8.40 9.11
N ILE C 10 32.90 7.11 9.15
CA ILE C 10 32.35 6.39 8.00
C ILE C 10 30.83 6.26 8.13
N ILE C 11 30.06 6.97 7.31
CA ILE C 11 28.59 6.87 7.37
C ILE C 11 28.02 5.99 6.27
N GLY C 12 27.12 5.09 6.63
CA GLY C 12 26.50 4.20 5.65
C GLY C 12 25.17 4.76 5.12
N ILE C 13 25.05 4.90 3.80
CA ILE C 13 23.81 5.39 3.19
C ILE C 13 23.05 4.18 2.64
N THR C 14 21.79 4.00 3.01
CA THR C 14 21.07 2.84 2.48
C THR C 14 19.58 3.10 2.14
N GLY C 15 18.89 2.08 1.65
CA GLY C 15 17.49 2.22 1.31
C GLY C 15 17.00 1.06 0.48
N ASN C 16 15.68 0.96 0.30
CA ASN C 16 15.09 -0.11 -0.49
C ASN C 16 14.94 0.32 -1.95
N ILE C 17 14.41 -0.59 -2.79
CA ILE C 17 14.24 -0.32 -4.21
C ILE C 17 13.59 1.02 -4.55
N GLY C 18 14.19 1.72 -5.51
CA GLY C 18 13.68 3.00 -5.95
C GLY C 18 13.57 4.03 -4.85
N SER C 19 14.27 3.80 -3.75
CA SER C 19 14.23 4.75 -2.65
C SER C 19 14.83 6.06 -3.13
N GLY C 20 15.82 5.97 -3.99
CA GLY C 20 16.46 7.16 -4.52
C GLY C 20 17.79 7.48 -3.89
N LYS C 21 18.27 6.60 -3.02
CA LYS C 21 19.56 6.82 -2.36
C LYS C 21 20.65 7.27 -3.35
N SER C 22 20.63 6.72 -4.58
CA SER C 22 21.60 7.09 -5.62
C SER C 22 21.60 8.59 -5.87
N THR C 23 20.41 9.17 -5.80
CA THR C 23 20.25 10.61 -5.99
C THR C 23 20.99 11.31 -4.86
N VAL C 24 21.00 10.68 -3.69
CA VAL C 24 21.68 11.24 -2.53
C VAL C 24 23.19 11.01 -2.67
N ALA C 25 23.59 9.91 -3.31
CA ALA C 25 25.02 9.65 -3.51
C ALA C 25 25.54 10.77 -4.41
N ALA C 26 24.76 11.06 -5.44
CA ALA C 26 25.05 12.10 -6.43
C ALA C 26 25.23 13.48 -5.81
N LEU C 27 24.28 13.84 -4.94
CA LEU C 27 24.28 15.12 -4.28
C LEU C 27 25.50 15.36 -3.41
N LEU C 28 25.94 14.32 -2.71
CA LEU C 28 27.11 14.45 -1.84
C LEU C 28 28.35 14.60 -2.70
N ARG C 29 28.45 13.82 -3.77
CA ARG C 29 29.61 13.93 -4.66
C ARG C 29 29.72 15.33 -5.21
N SER C 30 28.61 15.88 -5.69
CA SER C 30 28.61 17.23 -6.21
C SER C 30 29.20 18.19 -5.15
N TRP C 31 28.81 17.97 -3.90
CA TRP C 31 29.28 18.81 -2.82
C TRP C 31 30.73 18.51 -2.46
N GLY C 32 31.30 17.52 -3.12
CA GLY C 32 32.69 17.18 -2.88
C GLY C 32 33.01 16.07 -1.89
N TYR C 33 31.99 15.45 -1.31
CA TYR C 33 32.26 14.40 -0.36
C TYR C 33 32.56 13.07 -1.04
N PRO C 34 33.37 12.23 -0.39
CA PRO C 34 33.72 10.92 -0.95
C PRO C 34 32.60 9.93 -0.67
N VAL C 35 32.18 9.18 -1.68
CA VAL C 35 31.12 8.19 -1.50
C VAL C 35 31.62 6.97 -2.27
N LEU C 36 31.85 5.88 -1.57
CA LEU C 36 32.34 4.67 -2.23
C LEU C 36 31.13 3.77 -2.50
N ASP C 37 31.08 3.17 -3.69
CA ASP C 37 29.95 2.30 -4.03
C ASP C 37 30.24 0.82 -3.80
N LEU C 38 29.99 0.36 -2.58
CA LEU C 38 30.22 -1.03 -2.24
C LEU C 38 29.78 -2.03 -3.29
N ASP C 39 28.73 -1.69 -4.03
CA ASP C 39 28.19 -2.57 -5.07
C ASP C 39 29.18 -2.66 -6.23
N ALA C 40 29.89 -1.55 -6.44
CA ALA C 40 30.86 -1.46 -7.51
C ALA C 40 32.07 -2.25 -7.10
N LEU C 41 32.45 -2.10 -5.84
CA LEU C 41 33.61 -2.80 -5.31
C LEU C 41 33.41 -4.31 -5.42
N ALA C 42 32.17 -4.73 -5.21
CA ALA C 42 31.83 -6.15 -5.26
C ALA C 42 32.09 -6.73 -6.64
N ALA C 43 31.64 -6.00 -7.65
CA ALA C 43 31.79 -6.42 -9.03
C ALA C 43 33.25 -6.40 -9.46
N ARG C 44 34.03 -5.54 -8.82
CA ARG C 44 35.44 -5.47 -9.14
C ARG C 44 36.11 -6.68 -8.52
N ALA C 45 35.56 -7.11 -7.38
CA ALA C 45 36.05 -8.27 -6.66
C ALA C 45 35.77 -9.55 -7.44
N ARG C 46 34.55 -9.67 -7.99
CA ARG C 46 34.19 -10.85 -8.77
C ARG C 46 35.06 -10.97 -10.01
N GLU C 47 35.57 -9.85 -10.48
CA GLU C 47 36.42 -9.84 -11.67
C GLU C 47 37.80 -10.30 -11.29
N ASN C 48 38.28 -9.84 -10.15
CA ASN C 48 39.60 -10.25 -9.72
C ASN C 48 39.57 -11.72 -9.33
N LYS C 49 38.38 -12.20 -8.99
CA LYS C 49 38.20 -13.60 -8.58
C LYS C 49 37.44 -14.44 -9.61
N GLU C 50 37.24 -13.92 -10.81
CA GLU C 50 36.48 -14.65 -11.83
C GLU C 50 36.95 -16.07 -12.16
N GLU C 51 38.12 -16.45 -11.68
CA GLU C 51 38.64 -17.79 -11.94
C GLU C 51 38.14 -18.71 -10.84
N GLU C 52 38.56 -18.43 -9.61
CA GLU C 52 38.12 -19.23 -8.47
C GLU C 52 36.61 -19.33 -8.53
N LEU C 53 35.95 -18.28 -9.02
CA LEU C 53 34.50 -18.27 -9.11
C LEU C 53 33.99 -19.17 -10.23
N LYS C 54 34.72 -19.20 -11.34
CA LYS C 54 34.36 -20.02 -12.48
C LYS C 54 34.38 -21.47 -12.01
N ARG C 55 35.51 -21.86 -11.43
CA ARG C 55 35.70 -23.20 -10.90
C ARG C 55 34.64 -23.53 -9.85
N LEU C 56 34.42 -22.58 -8.94
CA LEU C 56 33.43 -22.76 -7.87
C LEU C 56 32.03 -22.82 -8.44
N PHE C 57 31.77 -22.06 -9.49
CA PHE C 57 30.44 -22.06 -10.07
C PHE C 57 30.46 -22.35 -11.55
N PRO C 58 30.85 -23.57 -11.91
CA PRO C 58 30.90 -23.97 -13.32
C PRO C 58 29.49 -23.92 -13.94
N GLU C 59 28.47 -24.04 -13.09
CA GLU C 59 27.11 -24.00 -13.60
C GLU C 59 26.92 -22.76 -14.46
N ALA C 60 27.34 -21.61 -13.97
CA ALA C 60 27.24 -20.37 -14.73
C ALA C 60 28.36 -20.48 -15.77
N VAL C 61 29.08 -19.40 -16.00
CA VAL C 61 30.17 -19.45 -16.97
C VAL C 61 29.68 -19.85 -18.36
N VAL C 62 29.24 -18.87 -19.14
CA VAL C 62 28.75 -19.13 -20.49
C VAL C 62 29.75 -18.63 -21.51
N GLY C 63 30.63 -19.51 -21.97
CA GLY C 63 31.63 -19.13 -22.95
C GLY C 63 32.94 -18.65 -22.37
N GLY C 64 33.34 -19.24 -21.24
CA GLY C 64 34.58 -18.87 -20.60
C GLY C 64 34.47 -17.60 -19.78
N ARG C 65 33.26 -17.05 -19.70
CA ARG C 65 32.98 -15.83 -18.97
C ARG C 65 31.95 -16.03 -17.84
N LEU C 66 32.39 -15.86 -16.59
CA LEU C 66 31.50 -16.03 -15.44
C LEU C 66 30.27 -15.13 -15.58
N ASP C 67 29.28 -15.62 -16.33
CA ASP C 67 28.04 -14.86 -16.54
C ASP C 67 27.27 -14.69 -15.23
N ARG C 68 27.28 -13.48 -14.69
CA ARG C 68 26.60 -13.20 -13.43
C ARG C 68 25.11 -13.52 -13.41
N ARG C 69 24.42 -13.20 -14.49
CA ARG C 69 22.99 -13.48 -14.55
C ARG C 69 22.75 -14.88 -13.99
N ALA C 70 23.41 -15.87 -14.59
CA ALA C 70 23.28 -17.25 -14.16
C ALA C 70 23.91 -17.44 -12.78
N LEU C 71 24.93 -16.65 -12.47
CA LEU C 71 25.61 -16.76 -11.19
C LEU C 71 24.68 -16.28 -10.07
N ALA C 72 23.77 -15.37 -10.39
CA ALA C 72 22.82 -14.86 -9.40
C ALA C 72 21.56 -15.73 -9.48
N ARG C 73 21.52 -16.56 -10.51
CA ARG C 73 20.42 -17.50 -10.75
C ARG C 73 20.77 -18.74 -9.94
N LEU C 74 22.03 -19.17 -10.10
CA LEU C 74 22.54 -20.34 -9.41
C LEU C 74 22.51 -20.13 -7.90
N VAL C 75 22.89 -18.95 -7.45
CA VAL C 75 22.93 -18.64 -6.03
C VAL C 75 21.59 -18.23 -5.41
N PHE C 76 20.75 -17.54 -6.18
CA PHE C 76 19.45 -17.13 -5.65
C PHE C 76 18.71 -18.39 -5.22
N SER C 77 19.14 -19.51 -5.79
CA SER C 77 18.56 -20.81 -5.49
C SER C 77 18.79 -21.19 -4.03
N ASP C 78 19.57 -22.25 -3.84
CA ASP C 78 19.90 -22.77 -2.51
C ASP C 78 20.83 -21.83 -1.74
N PRO C 79 20.44 -21.45 -0.51
CA PRO C 79 21.29 -20.56 0.29
C PRO C 79 22.64 -21.21 0.58
N GLU C 80 22.69 -22.52 0.48
CA GLU C 80 23.92 -23.25 0.76
C GLU C 80 24.95 -22.99 -0.33
N ARG C 81 24.57 -22.18 -1.32
CA ARG C 81 25.50 -21.86 -2.41
C ARG C 81 25.87 -20.39 -2.35
N LEU C 82 25.01 -19.59 -1.72
CA LEU C 82 25.25 -18.17 -1.57
C LEU C 82 26.49 -17.97 -0.72
N LYS C 83 26.35 -18.30 0.56
CA LYS C 83 27.46 -18.17 1.51
C LYS C 83 28.76 -18.65 0.87
N ALA C 84 28.67 -19.63 -0.02
CA ALA C 84 29.85 -20.15 -0.69
C ALA C 84 30.51 -19.03 -1.48
N LEU C 85 29.72 -18.36 -2.32
CA LEU C 85 30.21 -17.25 -3.13
C LEU C 85 30.68 -16.14 -2.21
N GLU C 86 29.81 -15.76 -1.29
CA GLU C 86 30.13 -14.71 -0.34
C GLU C 86 31.46 -15.05 0.34
N ALA C 87 31.82 -16.32 0.33
CA ALA C 87 33.06 -16.77 0.95
C ALA C 87 34.26 -16.18 0.25
N VAL C 88 34.15 -16.00 -1.06
CA VAL C 88 35.22 -15.45 -1.87
C VAL C 88 35.10 -13.95 -2.02
N VAL C 89 33.97 -13.51 -2.56
CA VAL C 89 33.74 -12.09 -2.78
C VAL C 89 33.98 -11.23 -1.53
N HIS C 90 33.15 -11.42 -0.51
CA HIS C 90 33.24 -10.65 0.72
C HIS C 90 34.62 -10.25 1.21
N PRO C 91 35.53 -11.23 1.40
CA PRO C 91 36.87 -10.88 1.87
C PRO C 91 37.54 -9.89 0.93
N GLU C 92 37.51 -10.21 -0.36
CA GLU C 92 38.09 -9.38 -1.40
C GLU C 92 37.52 -7.96 -1.42
N VAL C 93 36.22 -7.83 -1.12
CA VAL C 93 35.58 -6.51 -1.10
C VAL C 93 36.13 -5.62 0.01
N ARG C 94 36.32 -6.17 1.20
CA ARG C 94 36.84 -5.33 2.25
C ARG C 94 38.26 -4.93 1.91
N ARG C 95 38.98 -5.84 1.25
CA ARG C 95 40.37 -5.59 0.84
C ARG C 95 40.34 -4.33 0.01
N LEU C 96 39.49 -4.38 -1.02
CA LEU C 96 39.29 -3.25 -1.92
C LEU C 96 38.80 -2.04 -1.14
N LEU C 97 37.78 -2.23 -0.32
CA LEU C 97 37.26 -1.14 0.48
C LEU C 97 38.42 -0.51 1.27
N MSE C 98 39.27 -1.34 1.87
CA MSE C 98 40.40 -0.81 2.63
C MSE C 98 41.33 -0.04 1.73
O MSE C 98 41.71 1.09 2.06
CB MSE C 98 41.16 -1.95 3.32
CG MSE C 98 40.76 -2.16 4.77
SE MSE C 98 41.41 -3.84 5.49
CE MSE C 98 39.71 -4.66 5.87
N GLU C 99 41.68 -0.62 0.60
CA GLU C 99 42.56 0.05 -0.36
C GLU C 99 42.06 1.47 -0.64
N GLU C 100 40.81 1.60 -1.05
CA GLU C 100 40.25 2.91 -1.35
C GLU C 100 40.34 3.85 -0.16
N LEU C 101 39.74 3.45 0.95
CA LEU C 101 39.73 4.26 2.16
C LEU C 101 41.14 4.78 2.45
N SER C 102 42.12 3.93 2.16
CA SER C 102 43.52 4.24 2.37
C SER C 102 43.91 5.44 1.54
N ARG C 103 43.29 5.57 0.38
CA ARG C 103 43.60 6.68 -0.51
C ARG C 103 42.93 8.00 -0.13
N LEU C 104 41.95 7.95 0.76
CA LEU C 104 41.25 9.17 1.14
C LEU C 104 41.84 9.94 2.31
N GLU C 105 41.74 11.27 2.24
CA GLU C 105 42.25 12.13 3.29
C GLU C 105 41.09 12.97 3.87
N ALA C 106 39.86 12.54 3.57
CA ALA C 106 38.69 13.26 4.05
C ALA C 106 38.20 12.79 5.41
N PRO C 107 37.79 13.72 6.27
CA PRO C 107 37.30 13.43 7.62
C PRO C 107 35.91 12.79 7.65
N LEU C 108 35.14 12.95 6.58
CA LEU C 108 33.81 12.36 6.51
C LEU C 108 33.67 11.51 5.23
N VAL C 109 33.35 10.23 5.38
CA VAL C 109 33.21 9.34 4.23
C VAL C 109 31.86 8.60 4.21
N PHE C 110 31.30 8.43 3.01
CA PHE C 110 30.04 7.72 2.85
C PHE C 110 30.22 6.42 2.05
N LEU C 111 29.51 5.37 2.45
CA LEU C 111 29.58 4.12 1.73
C LEU C 111 28.18 3.83 1.23
N GLU C 112 28.03 3.61 -0.06
CA GLU C 112 26.73 3.30 -0.64
C GLU C 112 26.60 1.78 -0.54
N ILE C 113 25.84 1.33 0.45
CA ILE C 113 25.67 -0.10 0.73
C ILE C 113 24.26 -0.64 0.60
N PRO C 114 23.92 -1.22 -0.55
CA PRO C 114 22.56 -1.74 -0.62
C PRO C 114 22.58 -2.90 0.38
N LEU C 115 21.47 -3.19 1.06
CA LEU C 115 21.48 -4.26 2.05
C LEU C 115 22.46 -3.94 3.17
N LEU C 116 22.51 -2.67 3.57
CA LEU C 116 23.40 -2.26 4.63
C LEU C 116 23.09 -3.02 5.92
N PHE C 117 21.85 -2.91 6.38
CA PHE C 117 21.41 -3.57 7.62
C PHE C 117 21.34 -5.08 7.45
N GLU C 118 20.82 -5.53 6.32
CA GLU C 118 20.68 -6.96 6.09
C GLU C 118 21.99 -7.73 6.24
N LYS C 119 23.10 -7.19 5.75
CA LYS C 119 24.33 -7.96 5.83
C LYS C 119 25.29 -7.61 6.96
N GLY C 120 24.75 -7.11 8.05
CA GLY C 120 25.54 -6.80 9.23
C GLY C 120 26.46 -5.60 9.23
N TRP C 121 26.15 -4.58 8.46
CA TRP C 121 27.01 -3.41 8.44
C TRP C 121 26.78 -2.39 9.56
N GLU C 122 25.56 -2.34 10.09
CA GLU C 122 25.25 -1.33 11.10
C GLU C 122 26.29 -1.12 12.18
N GLY C 123 27.01 -2.18 12.54
CA GLY C 123 28.01 -2.05 13.59
C GLY C 123 29.41 -1.77 13.12
N ARG C 124 29.63 -1.79 11.81
CA ARG C 124 30.95 -1.51 11.24
C ARG C 124 30.92 -0.05 10.77
N LEU C 125 29.90 0.67 11.22
CA LEU C 125 29.70 2.06 10.85
C LEU C 125 29.56 3.01 12.03
N HIS C 126 29.78 4.30 11.79
CA HIS C 126 29.66 5.31 12.85
C HIS C 126 28.27 5.91 12.84
N GLY C 127 27.48 5.53 11.85
CA GLY C 127 26.14 6.04 11.74
C GLY C 127 25.55 5.61 10.42
N THR C 128 24.24 5.54 10.36
CA THR C 128 23.60 5.14 9.11
C THR C 128 22.63 6.20 8.66
N LEU C 129 22.54 6.37 7.35
CA LEU C 129 21.63 7.34 6.75
C LEU C 129 20.65 6.56 5.91
N LEU C 130 19.38 6.60 6.27
CA LEU C 130 18.38 5.85 5.53
C LEU C 130 17.50 6.72 4.66
N VAL C 131 17.57 6.49 3.36
CA VAL C 131 16.77 7.23 2.40
C VAL C 131 15.53 6.40 2.16
N ALA C 132 14.38 6.94 2.54
CA ALA C 132 13.11 6.24 2.37
C ALA C 132 12.17 6.99 1.45
N ALA C 133 11.13 6.30 0.97
CA ALA C 133 10.11 6.88 0.10
C ALA C 133 9.06 5.82 -0.08
N PRO C 134 7.81 6.23 -0.32
CA PRO C 134 6.69 5.31 -0.52
C PRO C 134 7.00 4.22 -1.54
N LEU C 135 6.79 2.97 -1.16
CA LEU C 135 7.02 1.85 -2.05
C LEU C 135 6.45 2.13 -3.43
N GLU C 136 5.16 2.45 -3.48
CA GLU C 136 4.49 2.72 -4.74
C GLU C 136 5.28 3.74 -5.52
N GLU C 137 5.60 4.86 -4.86
CA GLU C 137 6.38 5.94 -5.46
C GLU C 137 7.70 5.33 -5.94
N ARG C 138 8.31 4.50 -5.11
CA ARG C 138 9.56 3.89 -5.49
C ARG C 138 9.33 2.95 -6.67
N VAL C 139 8.26 2.15 -6.60
CA VAL C 139 7.94 1.19 -7.66
C VAL C 139 7.80 1.88 -9.01
N ARG C 140 7.11 3.02 -9.02
CA ARG C 140 6.91 3.77 -10.27
C ARG C 140 8.25 4.38 -10.63
N ARG C 141 8.95 4.86 -9.62
CA ARG C 141 10.24 5.48 -9.77
C ARG C 141 11.24 4.51 -10.44
N VAL C 142 11.16 3.23 -10.08
CA VAL C 142 12.05 2.23 -10.65
C VAL C 142 11.61 1.79 -12.05
N MSE C 143 10.34 1.45 -12.21
CA MSE C 143 9.84 1.03 -13.52
C MSE C 143 10.27 2.04 -14.58
O MSE C 143 10.62 1.65 -15.69
CB MSE C 143 8.32 0.92 -13.52
CG MSE C 143 7.76 -0.15 -12.59
SE MSE C 143 5.90 -0.50 -12.96
CE MSE C 143 5.07 0.23 -11.38
N ALA C 144 10.25 3.31 -14.22
CA ALA C 144 10.62 4.40 -15.13
C ALA C 144 12.12 4.48 -15.37
N ARG C 145 12.89 4.57 -14.30
CA ARG C 145 14.35 4.66 -14.38
C ARG C 145 15.00 3.49 -15.13
N SER C 146 14.80 2.28 -14.63
CA SER C 146 15.41 1.09 -15.23
C SER C 146 14.48 0.27 -16.09
N GLY C 147 13.20 0.63 -16.12
CA GLY C 147 12.25 -0.13 -16.91
C GLY C 147 12.17 -1.58 -16.50
N LEU C 148 11.65 -1.84 -15.31
CA LEU C 148 11.51 -3.21 -14.80
C LEU C 148 10.04 -3.59 -14.64
N SER C 149 9.80 -4.87 -14.37
CA SER C 149 8.45 -5.36 -14.16
C SER C 149 8.04 -5.12 -12.72
N ARG C 150 6.79 -4.74 -12.50
CA ARG C 150 6.29 -4.50 -11.15
C ARG C 150 6.45 -5.72 -10.24
N GLU C 151 6.15 -6.88 -10.78
CA GLU C 151 6.23 -8.14 -10.04
C GLU C 151 7.64 -8.46 -9.55
N GLU C 152 8.64 -8.00 -10.30
CA GLU C 152 10.04 -8.23 -9.96
C GLU C 152 10.43 -7.21 -8.90
N VAL C 153 10.10 -5.95 -9.15
CA VAL C 153 10.40 -4.85 -8.24
C VAL C 153 9.95 -5.19 -6.83
N LEU C 154 8.75 -5.72 -6.70
CA LEU C 154 8.25 -6.10 -5.39
C LEU C 154 8.99 -7.35 -4.95
N ALA C 155 9.29 -8.25 -5.89
CA ALA C 155 10.01 -9.48 -5.55
C ALA C 155 11.40 -9.15 -4.99
N ARG C 156 11.98 -8.06 -5.47
CA ARG C 156 13.27 -7.66 -4.95
C ARG C 156 13.03 -7.01 -3.60
N GLU C 157 11.89 -6.35 -3.46
CA GLU C 157 11.53 -5.68 -2.22
C GLU C 157 11.27 -6.60 -1.04
N ARG C 158 10.79 -7.82 -1.28
CA ARG C 158 10.54 -8.70 -0.15
C ARG C 158 11.78 -9.44 0.27
N ALA C 159 12.83 -9.29 -0.52
CA ALA C 159 14.11 -9.94 -0.24
C ALA C 159 14.96 -8.99 0.62
N GLN C 160 14.47 -7.77 0.80
CA GLN C 160 15.17 -6.79 1.62
C GLN C 160 14.45 -6.62 2.94
N MSE C 161 15.09 -5.96 3.87
CA MSE C 161 14.50 -5.73 5.16
C MSE C 161 13.37 -4.74 4.93
O MSE C 161 13.49 -3.86 4.09
CB MSE C 161 15.52 -5.11 6.13
CG MSE C 161 15.11 -5.23 7.59
SE MSE C 161 16.30 -4.33 8.78
CE MSE C 161 17.82 -5.52 8.71
N PRO C 162 12.27 -4.89 5.65
CA PRO C 162 11.19 -3.92 5.41
C PRO C 162 11.72 -2.53 5.76
N GLU C 163 11.34 -1.53 4.98
CA GLU C 163 11.82 -0.18 5.23
C GLU C 163 11.39 0.34 6.61
N GLU C 164 10.17 0.00 7.02
CA GLU C 164 9.70 0.47 8.34
C GLU C 164 10.59 -0.04 9.47
N GLU C 165 11.24 -1.18 9.27
CA GLU C 165 12.13 -1.71 10.29
C GLU C 165 13.42 -0.92 10.35
N LYS C 166 13.93 -0.51 9.18
CA LYS C 166 15.17 0.25 9.12
C LYS C 166 14.94 1.59 9.78
N ARG C 167 13.76 2.17 9.58
CA ARG C 167 13.44 3.44 10.20
C ARG C 167 13.77 3.32 11.67
N LYS C 168 13.31 2.22 12.25
CA LYS C 168 13.49 1.94 13.68
C LYS C 168 14.95 1.86 14.16
N ARG C 169 15.90 1.90 13.24
CA ARG C 169 17.30 1.80 13.66
C ARG C 169 18.31 2.66 12.91
N ALA C 170 17.84 3.46 11.96
CA ALA C 170 18.74 4.33 11.19
C ALA C 170 19.17 5.52 12.04
N THR C 171 20.37 6.04 11.79
CA THR C 171 20.82 7.19 12.56
C THR C 171 20.04 8.43 12.11
N TRP C 172 19.78 8.51 10.81
CA TRP C 172 19.03 9.62 10.21
C TRP C 172 18.17 9.05 9.08
N VAL C 173 16.99 9.63 8.88
CA VAL C 173 16.15 9.19 7.77
C VAL C 173 15.81 10.39 6.88
N LEU C 174 15.98 10.22 5.58
CA LEU C 174 15.66 11.25 4.59
C LEU C 174 14.40 10.81 3.84
N GLU C 175 13.38 11.66 3.83
CA GLU C 175 12.13 11.36 3.14
C GLU C 175 12.24 11.66 1.63
N ASN C 176 11.11 11.74 0.92
CA ASN C 176 11.14 12.02 -0.52
C ASN C 176 9.85 12.53 -1.13
N THR C 177 10.00 13.50 -2.03
CA THR C 177 8.92 14.16 -2.76
C THR C 177 9.53 15.02 -3.88
N GLY C 178 10.09 16.17 -3.52
CA GLY C 178 10.69 17.06 -4.50
C GLY C 178 12.18 17.28 -4.21
N SER C 179 13.00 17.27 -5.26
CA SER C 179 14.45 17.45 -5.09
C SER C 179 14.86 18.64 -4.21
N LEU C 180 14.08 19.71 -4.22
CA LEU C 180 14.42 20.87 -3.40
C LEU C 180 14.45 20.51 -1.93
N GLU C 181 13.44 19.78 -1.47
CA GLU C 181 13.35 19.36 -0.07
C GLU C 181 14.45 18.36 0.28
N ASP C 182 14.74 17.45 -0.65
CA ASP C 182 15.77 16.44 -0.45
C ASP C 182 17.10 17.15 -0.20
N LEU C 183 17.42 18.10 -1.08
CA LEU C 183 18.66 18.85 -0.95
C LEU C 183 18.75 19.45 0.46
N GLU C 184 17.67 20.10 0.91
CA GLU C 184 17.65 20.71 2.24
C GLU C 184 17.84 19.72 3.38
N ARG C 185 17.09 18.61 3.32
CA ARG C 185 17.18 17.58 4.35
C ARG C 185 18.60 17.01 4.48
N ALA C 186 19.20 16.56 3.38
CA ALA C 186 20.56 16.03 3.45
C ALA C 186 21.40 17.11 4.11
N LEU C 187 21.33 18.31 3.55
CA LEU C 187 22.09 19.44 4.07
C LEU C 187 21.98 19.43 5.58
N LYS C 188 20.75 19.33 6.07
CA LYS C 188 20.53 19.29 7.51
C LYS C 188 21.35 18.15 8.12
N ALA C 189 21.19 16.94 7.59
CA ALA C 189 21.92 15.78 8.10
C ALA C 189 23.42 16.01 8.05
N VAL C 190 23.90 16.54 6.93
CA VAL C 190 25.32 16.79 6.78
C VAL C 190 25.76 17.73 7.89
N LEU C 191 24.86 18.62 8.32
CA LEU C 191 25.19 19.60 9.36
C LEU C 191 25.34 19.01 10.75
N ALA C 192 24.51 18.02 11.10
CA ALA C 192 24.63 17.40 12.41
C ALA C 192 26.04 16.86 12.54
N GLU C 193 26.75 16.77 11.42
CA GLU C 193 28.13 16.29 11.42
C GLU C 193 29.10 17.43 11.12
N LEU C 194 29.03 18.51 11.89
CA LEU C 194 29.90 19.68 11.70
C LEU C 194 31.15 19.32 10.89
N THR C 195 31.17 19.70 9.61
CA THR C 195 32.32 19.39 8.76
C THR C 195 32.63 20.47 7.71
N GLY C 196 31.81 21.51 7.65
CA GLY C 196 32.03 22.57 6.68
C GLY C 196 31.25 23.83 6.98
P PO4 D . -9.04 12.31 16.83
O1 PO4 D . -9.73 11.03 16.53
O2 PO4 D . -8.03 12.59 15.77
O3 PO4 D . -8.36 12.22 18.16
O4 PO4 D . -10.03 13.41 16.86
PG ATP E . 17.38 1.24 -6.36
O1G ATP E . 16.53 1.33 -5.12
O2G ATP E . 16.96 0.48 -7.60
O3G ATP E . 18.85 0.85 -6.10
PB ATP E . 17.75 3.98 -5.80
O1B ATP E . 16.95 3.69 -4.59
O2B ATP E . 19.22 4.14 -5.65
O3B ATP E . 17.48 2.78 -6.85
PA ATP E . 18.09 6.29 -7.40
O1A ATP E . 18.52 7.50 -6.67
O2A ATP E . 18.76 5.73 -8.58
O3A ATP E . 17.14 5.28 -6.54
O5' ATP E . 16.83 6.94 -8.16
C5' ATP E . 16.06 6.16 -9.10
C4' ATP E . 15.13 7.05 -9.94
O4' ATP E . 14.27 7.83 -9.03
C3' ATP E . 15.94 8.08 -10.73
O3' ATP E . 15.37 8.25 -12.02
C2' ATP E . 15.79 9.36 -9.93
O2' ATP E . 15.85 10.49 -10.81
C1' ATP E . 14.40 9.23 -9.36
N9 ATP E . 14.16 10.12 -8.17
C8 ATP E . 14.95 10.19 -7.08
N7 ATP E . 14.42 11.09 -6.24
C5 ATP E . 13.31 11.58 -6.79
C6 ATP E . 12.38 12.52 -6.39
N6 ATP E . 12.51 13.15 -5.23
N1 ATP E . 11.33 12.80 -7.19
C2 ATP E . 11.19 12.17 -8.37
N3 ATP E . 12.08 11.27 -8.78
C4 ATP E . 13.15 10.96 -8.02
#